data_2PGL
#
_entry.id   2PGL
#
_cell.length_a   41.866
_cell.length_b   53.195
_cell.length_c   65.706
_cell.angle_alpha   105.79
_cell.angle_beta   92.07
_cell.angle_gamma   95.20
#
_symmetry.space_group_name_H-M   'P 1'
#
loop_
_entity.id
_entity.type
_entity.pdbx_description
1 polymer 'ADP-ribosyl cyclase 1'
2 non-polymer "N1-CYCLIC INOSINE 5'-DIPHOSPHORIBOSE"
3 water water
#
_entity_poly.entity_id   1
_entity_poly.type   'polypeptide(L)'
_entity_poly.pdbx_seq_one_letter_code
;KREAEARWRQTWSGPGTTKRFPETVLARCVKYTEIHPEMRHVDCQSVWDAFKGAFISKHPCDITEEDYQPLMKLGTQTVP
CNKILLWSRIKDLAHQFTQVQRDMFTLEDTLLGYLADDLTWCGEFDTSKINYQSCPDWRKDCSNNPVSVFWKTVSRRFAE
AACDVVHVMLDGSRSKIFDKDSTFGSVQVHNLQPEKVQTLEAWVIHGGREDSRDLCQDPTIKELESIISKRNIQFSCKNI
YRPDKFLQCVKNPEDSSCTSEI
;
_entity_poly.pdbx_strand_id   A,B
#
loop_
_chem_comp.id
_chem_comp.type
_chem_comp.name
_chem_comp.formula
N1C non-polymer 'N1-CYCLIC INOSINE 5'-DIPHOSPHORIBOSE' 'C15 H20 N4 O14 P2'
#
# COMPACT_ATOMS: atom_id res chain seq x y z
N ARG A 7 -29.92 23.65 9.96
CA ARG A 7 -30.61 22.41 9.46
C ARG A 7 -31.09 22.54 8.02
N TRP A 8 -31.07 23.75 7.49
CA TRP A 8 -31.33 23.96 6.08
C TRP A 8 -30.06 23.78 5.25
N ARG A 9 -28.89 23.80 5.91
CA ARG A 9 -27.63 23.40 5.27
C ARG A 9 -26.71 22.54 6.15
N GLN A 10 -26.49 21.33 5.70
CA GLN A 10 -25.66 20.42 6.44
C GLN A 10 -24.19 20.71 6.15
N THR A 11 -23.30 20.12 6.94
CA THR A 11 -21.86 20.33 6.82
C THR A 11 -21.30 19.65 5.56
N TRP A 12 -21.70 18.41 5.38
CA TRP A 12 -21.23 17.57 4.32
C TRP A 12 -22.32 17.33 3.28
N SER A 13 -21.93 16.82 2.11
CA SER A 13 -22.87 16.56 1.01
C SER A 13 -23.51 15.17 1.05
N GLY A 14 -22.90 14.24 1.78
CA GLY A 14 -23.46 12.87 1.88
C GLY A 14 -24.51 12.69 2.96
N PRO A 15 -25.31 11.61 2.87
CA PRO A 15 -26.22 11.22 3.96
C PRO A 15 -25.51 11.05 5.33
N GLY A 16 -26.23 11.32 6.40
CA GLY A 16 -25.71 11.20 7.77
C GLY A 16 -25.67 9.75 8.21
N THR A 17 -25.13 9.51 9.41
CA THR A 17 -25.02 8.16 9.98
C THR A 17 -26.38 7.47 10.11
N THR A 18 -26.46 6.20 9.72
CA THR A 18 -27.70 5.43 9.83
C THR A 18 -28.25 5.53 11.26
N LYS A 19 -29.56 5.77 11.41
CA LYS A 19 -30.18 5.81 12.75
C LYS A 19 -29.84 4.57 13.57
N ARG A 20 -29.65 4.73 14.88
CA ARG A 20 -29.34 3.59 15.76
C ARG A 20 -28.11 2.77 15.31
N PHE A 21 -27.14 3.44 14.69
CA PHE A 21 -25.95 2.75 14.18
C PHE A 21 -25.26 1.85 15.22
N PRO A 22 -25.00 2.35 16.44
CA PRO A 22 -24.36 1.51 17.45
C PRO A 22 -25.13 0.22 17.78
N GLU A 23 -26.44 0.36 17.96
CA GLU A 23 -27.31 -0.77 18.31
C GLU A 23 -27.38 -1.74 17.14
N THR A 24 -27.43 -1.20 15.92
CA THR A 24 -27.50 -2.01 14.70
C THR A 24 -26.25 -2.86 14.50
N VAL A 25 -25.07 -2.25 14.64
CA VAL A 25 -23.80 -2.96 14.49
C VAL A 25 -23.64 -4.03 15.56
N LEU A 26 -23.96 -3.69 16.80
CA LEU A 26 -23.80 -4.64 17.92
C LEU A 26 -24.72 -5.84 17.72
N ALA A 27 -25.96 -5.55 17.31
CA ALA A 27 -26.96 -6.57 17.03
C ALA A 27 -26.50 -7.47 15.91
N ARG A 28 -25.99 -6.88 14.82
CA ARG A 28 -25.42 -7.62 13.71
C ARG A 28 -24.30 -8.54 14.14
N CYS A 29 -23.39 -8.04 14.96
CA CYS A 29 -22.30 -8.86 15.47
C CYS A 29 -22.85 -10.05 16.27
N VAL A 30 -23.79 -9.79 17.18
CA VAL A 30 -24.42 -10.88 17.95
C VAL A 30 -25.01 -11.94 17.00
N LYS A 31 -25.85 -11.50 16.07
CA LYS A 31 -26.49 -12.39 15.11
C LYS A 31 -25.48 -13.23 14.31
N TYR A 32 -24.47 -12.58 13.76
CA TYR A 32 -23.46 -13.26 12.95
C TYR A 32 -22.71 -14.35 13.74
N THR A 33 -22.28 -13.96 14.94
CA THR A 33 -21.52 -14.85 15.81
C THR A 33 -22.37 -16.00 16.39
N GLU A 34 -23.68 -15.78 16.50
CA GLU A 34 -24.60 -16.88 16.88
C GLU A 34 -24.67 -17.90 15.75
N ILE A 35 -24.71 -17.41 14.51
CA ILE A 35 -24.97 -18.27 13.35
C ILE A 35 -23.71 -19.00 12.87
N HIS A 36 -22.60 -18.28 12.82
CA HIS A 36 -21.35 -18.78 12.24
C HIS A 36 -20.43 -19.24 13.35
N PRO A 37 -20.27 -20.56 13.48
CA PRO A 37 -19.59 -21.14 14.63
C PRO A 37 -18.10 -20.83 14.76
N GLU A 38 -17.42 -20.53 13.65
CA GLU A 38 -15.99 -20.20 13.77
C GLU A 38 -15.79 -18.79 14.36
N MET A 39 -16.83 -17.96 14.29
CA MET A 39 -16.79 -16.63 14.89
C MET A 39 -17.45 -16.63 16.27
N ARG A 40 -17.75 -17.82 16.78
CA ARG A 40 -18.50 -18.04 18.02
C ARG A 40 -17.92 -17.41 19.29
N HIS A 41 -16.62 -17.15 19.28
CA HIS A 41 -15.92 -16.64 20.46
C HIS A 41 -15.85 -15.10 20.50
N VAL A 42 -15.84 -14.48 19.33
CA VAL A 42 -15.72 -13.01 19.22
C VAL A 42 -16.55 -12.28 20.28
N ASP A 43 -15.90 -11.37 21.00
CA ASP A 43 -16.60 -10.47 21.91
C ASP A 43 -17.15 -9.27 21.16
N CYS A 44 -18.47 -9.18 21.09
CA CYS A 44 -19.09 -8.18 20.24
C CYS A 44 -19.00 -6.73 20.77
N GLN A 45 -18.95 -6.57 22.09
CA GLN A 45 -18.66 -5.26 22.70
C GLN A 45 -17.27 -4.74 22.28
N SER A 46 -16.29 -5.64 22.29
CA SER A 46 -14.95 -5.36 21.84
C SER A 46 -14.94 -4.97 20.35
N VAL A 47 -15.71 -5.69 19.54
CA VAL A 47 -15.81 -5.37 18.12
C VAL A 47 -16.36 -3.95 17.97
N TRP A 48 -17.50 -3.67 18.61
CA TRP A 48 -18.08 -2.32 18.55
C TRP A 48 -17.11 -1.25 19.02
N ASP A 49 -16.42 -1.50 20.14
CA ASP A 49 -15.43 -0.55 20.66
C ASP A 49 -14.34 -0.22 19.62
N ALA A 50 -13.80 -1.25 18.98
CA ALA A 50 -12.79 -1.09 17.92
C ALA A 50 -13.37 -0.33 16.71
N PHE A 51 -14.62 -0.60 16.39
CA PHE A 51 -15.25 0.02 15.19
C PHE A 51 -15.37 1.52 15.52
N LYS A 52 -15.97 1.83 16.67
CA LYS A 52 -16.02 3.22 17.16
C LYS A 52 -14.66 3.89 17.13
N GLY A 53 -13.65 3.18 17.60
CA GLY A 53 -12.30 3.72 17.78
C GLY A 53 -11.67 4.23 16.51
N ALA A 54 -12.10 3.63 15.39
CA ALA A 54 -11.67 3.96 14.04
C ALA A 54 -12.04 5.38 13.63
N PHE A 55 -13.21 5.85 14.05
CA PHE A 55 -13.73 7.13 13.55
C PHE A 55 -14.24 8.15 14.58
N ILE A 56 -14.50 7.74 15.83
CA ILE A 56 -15.00 8.69 16.82
C ILE A 56 -13.90 9.68 17.17
N SER A 57 -14.28 10.95 17.36
CA SER A 57 -13.34 12.01 17.73
C SER A 57 -12.25 12.23 16.69
N LYS A 58 -12.54 11.89 15.45
CA LYS A 58 -11.56 12.06 14.36
C LYS A 58 -12.20 12.83 13.21
N HIS A 59 -11.40 13.61 12.50
CA HIS A 59 -11.94 14.42 11.41
C HIS A 59 -12.37 13.45 10.32
N PRO A 60 -13.64 13.50 9.89
CA PRO A 60 -14.12 12.47 8.96
C PRO A 60 -13.55 12.58 7.54
N CYS A 61 -12.69 13.55 7.31
CA CYS A 61 -11.91 13.58 6.07
C CYS A 61 -10.44 13.19 6.28
N ASP A 62 -10.12 12.67 7.46
CA ASP A 62 -8.76 12.31 7.80
C ASP A 62 -8.63 10.87 8.33
N ILE A 63 -9.38 9.92 7.74
CA ILE A 63 -9.34 8.54 8.22
C ILE A 63 -8.30 7.74 7.43
N THR A 64 -7.65 6.80 8.09
CA THR A 64 -6.61 5.95 7.47
C THR A 64 -6.95 4.49 7.71
N GLU A 65 -6.33 3.60 6.93
CA GLU A 65 -6.46 2.15 7.14
C GLU A 65 -6.00 1.76 8.55
N GLU A 66 -4.99 2.45 9.07
CA GLU A 66 -4.55 2.25 10.46
C GLU A 66 -5.64 2.41 11.50
N ASP A 67 -6.51 3.40 11.31
CA ASP A 67 -7.65 3.62 12.19
C ASP A 67 -8.48 2.34 12.31
N TYR A 68 -8.55 1.58 11.23
CA TYR A 68 -9.35 0.33 11.24
C TYR A 68 -8.62 -0.98 11.66
N GLN A 69 -7.34 -0.93 12.03
CA GLN A 69 -6.59 -2.16 12.35
C GLN A 69 -7.04 -2.92 13.62
N PRO A 70 -7.39 -2.22 14.71
CA PRO A 70 -7.96 -2.97 15.83
C PRO A 70 -9.21 -3.73 15.39
N LEU A 71 -10.08 -3.09 14.60
CA LEU A 71 -11.28 -3.75 14.09
C LEU A 71 -10.96 -4.94 13.19
N MET A 72 -9.98 -4.76 12.30
CA MET A 72 -9.59 -5.81 11.35
C MET A 72 -9.08 -6.99 12.13
N LYS A 73 -8.39 -6.72 13.25
CA LYS A 73 -7.80 -7.79 14.05
C LYS A 73 -8.88 -8.63 14.70
N LEU A 74 -9.78 -7.97 15.44
CA LEU A 74 -10.92 -8.63 16.04
C LEU A 74 -11.79 -9.37 15.02
N GLY A 75 -11.84 -8.84 13.81
CA GLY A 75 -12.64 -9.43 12.74
C GLY A 75 -11.94 -10.49 11.88
N THR A 76 -10.68 -10.83 12.23
CA THR A 76 -9.87 -11.88 11.56
C THR A 76 -10.72 -13.12 11.34
N GLN A 77 -10.83 -13.58 10.09
CA GLN A 77 -11.66 -14.76 9.81
C GLN A 77 -11.19 -15.56 8.59
N THR A 78 -11.04 -16.88 8.75
CA THR A 78 -10.68 -17.74 7.61
C THR A 78 -11.86 -17.84 6.62
N VAL A 79 -11.60 -17.56 5.34
CA VAL A 79 -12.61 -17.81 4.29
C VAL A 79 -12.01 -18.83 3.29
N PRO A 80 -12.79 -19.83 2.86
CA PRO A 80 -12.24 -20.82 1.92
C PRO A 80 -11.72 -20.07 0.70
N CYS A 81 -10.40 -20.10 0.55
CA CYS A 81 -9.69 -19.18 -0.35
C CYS A 81 -10.03 -19.39 -1.83
N ASN A 82 -10.45 -20.60 -2.17
CA ASN A 82 -10.78 -20.98 -3.55
C ASN A 82 -12.24 -20.79 -3.92
N LYS A 83 -13.02 -20.21 -3.00
CA LYS A 83 -14.45 -20.07 -3.23
C LYS A 83 -14.92 -18.60 -3.14
N ILE A 84 -14.03 -17.69 -3.49
CA ILE A 84 -14.32 -16.27 -3.29
C ILE A 84 -15.04 -15.73 -4.51
N LEU A 85 -16.10 -14.97 -4.26
CA LEU A 85 -16.88 -14.29 -5.33
C LEU A 85 -16.79 -12.78 -5.14
N LEU A 86 -16.13 -12.12 -6.09
CA LEU A 86 -16.08 -10.65 -6.16
C LEU A 86 -17.22 -10.13 -7.05
N TRP A 87 -17.51 -8.83 -6.95
CA TRP A 87 -18.59 -8.26 -7.75
C TRP A 87 -18.38 -6.78 -7.97
N SER A 88 -19.03 -6.26 -8.99
CA SER A 88 -19.02 -4.84 -9.28
C SER A 88 -20.42 -4.40 -9.78
N ARG A 89 -21.08 -3.48 -9.06
CA ARG A 89 -22.36 -2.87 -9.47
C ARG A 89 -23.47 -3.88 -9.67
N ILE A 90 -23.37 -5.04 -9.02
CA ILE A 90 -24.35 -6.09 -9.19
C ILE A 90 -24.47 -6.93 -7.91
N LYS A 91 -24.56 -6.25 -6.77
CA LYS A 91 -24.52 -6.94 -5.49
C LYS A 91 -25.68 -7.90 -5.19
N ASP A 92 -26.89 -7.54 -5.57
CA ASP A 92 -28.04 -8.38 -5.26
C ASP A 92 -27.95 -9.79 -5.88
N LEU A 93 -27.56 -9.89 -7.15
CA LEU A 93 -27.44 -11.20 -7.81
C LEU A 93 -26.32 -11.99 -7.13
N ALA A 94 -25.19 -11.34 -6.87
CA ALA A 94 -24.07 -11.98 -6.13
C ALA A 94 -24.56 -12.64 -4.82
N HIS A 95 -25.35 -11.88 -4.06
CA HIS A 95 -25.87 -12.34 -2.78
C HIS A 95 -26.93 -13.40 -2.93
N GLN A 96 -27.85 -13.20 -3.85
CA GLN A 96 -28.87 -14.22 -4.10
C GLN A 96 -28.21 -15.54 -4.49
N PHE A 97 -27.12 -15.45 -5.27
CA PHE A 97 -26.43 -16.66 -5.72
C PHE A 97 -25.75 -17.44 -4.57
N THR A 98 -24.99 -16.73 -3.75
CA THR A 98 -24.29 -17.41 -2.65
C THR A 98 -25.25 -18.00 -1.60
N GLN A 99 -26.39 -17.35 -1.42
CA GLN A 99 -27.42 -17.82 -0.48
C GLN A 99 -28.09 -19.16 -0.80
N VAL A 100 -28.04 -19.60 -2.06
CA VAL A 100 -28.72 -20.86 -2.45
C VAL A 100 -28.16 -22.09 -1.71
N GLN A 101 -26.83 -22.23 -1.76
CA GLN A 101 -26.12 -23.38 -1.15
C GLN A 101 -24.64 -23.10 -0.80
N ARG A 102 -24.31 -21.83 -0.63
CA ARG A 102 -22.98 -21.42 -0.18
C ARG A 102 -21.89 -21.95 -1.11
N ASP A 103 -22.17 -21.90 -2.42
CA ASP A 103 -21.20 -22.34 -3.45
C ASP A 103 -19.96 -21.44 -3.36
N MET A 104 -20.19 -20.17 -3.04
CA MET A 104 -19.14 -19.18 -2.97
C MET A 104 -19.40 -18.21 -1.80
N PHE A 105 -18.44 -17.32 -1.54
CA PHE A 105 -18.54 -16.38 -0.43
C PHE A 105 -18.24 -14.99 -0.96
N THR A 106 -19.12 -14.02 -0.68
CA THR A 106 -18.76 -12.61 -0.92
C THR A 106 -18.26 -11.95 0.38
N LEU A 107 -17.76 -10.72 0.27
CA LEU A 107 -17.30 -9.93 1.40
C LEU A 107 -18.41 -9.82 2.47
N GLU A 108 -19.64 -9.77 1.99
CA GLU A 108 -20.80 -9.55 2.87
C GLU A 108 -21.15 -10.80 3.66
N ASP A 109 -20.53 -11.92 3.29
CA ASP A 109 -20.66 -13.17 4.01
C ASP A 109 -19.66 -13.27 5.17
N THR A 110 -18.74 -12.32 5.28
CA THR A 110 -17.77 -12.25 6.38
C THR A 110 -18.33 -11.39 7.50
N LEU A 111 -17.87 -11.60 8.74
CA LEU A 111 -18.34 -10.78 9.86
C LEU A 111 -18.26 -9.28 9.49
N LEU A 112 -17.11 -8.84 9.00
CA LEU A 112 -16.93 -7.40 8.81
C LEU A 112 -17.82 -6.84 7.71
N GLY A 113 -17.91 -7.50 6.54
CA GLY A 113 -18.83 -7.10 5.48
C GLY A 113 -20.28 -7.05 5.96
N TYR A 114 -20.66 -8.05 6.74
CA TYR A 114 -22.01 -8.17 7.27
C TYR A 114 -22.34 -7.01 8.22
N LEU A 115 -21.39 -6.66 9.09
CA LEU A 115 -21.59 -5.56 10.05
C LEU A 115 -21.92 -4.27 9.34
N ALA A 116 -21.17 -3.98 8.26
CA ALA A 116 -21.24 -2.64 7.62
C ALA A 116 -22.17 -2.53 6.42
N ASP A 117 -22.65 -3.66 5.91
CA ASP A 117 -23.41 -3.63 4.65
C ASP A 117 -24.57 -2.62 4.69
N ASP A 118 -24.67 -1.74 3.70
CA ASP A 118 -25.77 -0.77 3.60
C ASP A 118 -25.79 0.33 4.68
N LEU A 119 -24.76 0.40 5.53
CA LEU A 119 -24.70 1.44 6.58
C LEU A 119 -23.78 2.62 6.17
N THR A 120 -24.01 3.75 6.85
CA THR A 120 -23.24 4.98 6.67
C THR A 120 -22.90 5.40 8.09
N TRP A 121 -21.70 5.94 8.29
CA TRP A 121 -21.31 6.45 9.60
C TRP A 121 -20.21 7.51 9.46
N CYS A 122 -20.21 8.46 10.38
CA CYS A 122 -19.06 9.37 10.51
C CYS A 122 -19.11 10.05 11.85
N GLY A 123 -17.96 10.56 12.30
CA GLY A 123 -17.88 11.31 13.55
C GLY A 123 -17.53 12.76 13.29
N GLU A 124 -17.00 13.42 14.32
CA GLU A 124 -16.61 14.83 14.27
C GLU A 124 -15.25 14.95 14.95
N PHE A 125 -14.43 15.90 14.51
CA PHE A 125 -13.16 16.13 15.18
C PHE A 125 -13.44 16.78 16.54
N ASP A 126 -12.69 16.38 17.57
CA ASP A 126 -12.78 17.00 18.93
C ASP A 126 -14.16 16.97 19.62
N THR A 127 -14.94 15.94 19.34
CA THR A 127 -16.23 15.70 20.00
C THR A 127 -16.39 14.22 19.81
N SER A 128 -17.01 13.53 20.75
CA SER A 128 -17.17 12.09 20.59
C SER A 128 -18.52 11.73 19.97
N LYS A 129 -19.22 12.71 19.39
CA LYS A 129 -20.59 12.49 18.89
C LYS A 129 -20.56 11.84 17.52
N ILE A 130 -21.52 10.95 17.29
CA ILE A 130 -21.78 10.45 15.93
C ILE A 130 -22.54 11.56 15.18
N ASN A 131 -22.20 11.77 13.91
CA ASN A 131 -22.88 12.75 13.07
C ASN A 131 -24.03 12.10 12.30
N TYR A 132 -25.24 12.26 12.84
CA TYR A 132 -26.44 11.71 12.22
C TYR A 132 -27.02 12.65 11.16
N GLN A 133 -26.40 13.81 10.97
CA GLN A 133 -26.95 14.84 10.07
C GLN A 133 -26.41 14.76 8.64
N SER A 134 -25.09 14.59 8.51
CA SER A 134 -24.47 14.39 7.21
C SER A 134 -23.11 13.77 7.37
N CYS A 135 -22.59 13.16 6.29
CA CYS A 135 -21.24 12.58 6.27
C CYS A 135 -20.63 12.94 4.92
N PRO A 136 -19.28 12.98 4.83
CA PRO A 136 -18.60 13.36 3.58
C PRO A 136 -18.97 12.48 2.39
N ASP A 137 -19.20 13.12 1.25
CA ASP A 137 -19.36 12.40 0.00
C ASP A 137 -17.96 12.17 -0.59
N TRP A 138 -17.70 10.96 -1.10
CA TRP A 138 -16.39 10.59 -1.61
C TRP A 138 -15.91 11.54 -2.70
N ARG A 139 -16.85 11.96 -3.53
CA ARG A 139 -16.56 12.78 -4.70
C ARG A 139 -16.49 14.26 -4.34
N LYS A 140 -17.56 14.76 -3.74
CA LYS A 140 -17.69 16.20 -3.45
C LYS A 140 -16.87 16.68 -2.24
N ASP A 141 -16.72 15.83 -1.24
CA ASP A 141 -16.08 16.28 0.00
C ASP A 141 -14.66 15.73 0.15
N CYS A 142 -14.51 14.43 0.33
CA CYS A 142 -13.19 13.77 0.51
C CYS A 142 -13.31 12.27 0.34
N SER A 143 -12.25 11.66 -0.15
CA SER A 143 -12.24 10.20 -0.29
C SER A 143 -11.80 9.46 0.96
N ASN A 144 -11.12 10.15 1.89
CA ASN A 144 -10.57 9.54 3.12
C ASN A 144 -11.58 9.64 4.30
N ASN A 145 -12.80 9.21 4.03
CA ASN A 145 -13.89 9.32 4.97
C ASN A 145 -14.14 7.95 5.62
N PRO A 146 -14.82 7.90 6.78
CA PRO A 146 -14.99 6.63 7.47
C PRO A 146 -15.51 5.47 6.60
N VAL A 147 -16.53 5.73 5.80
CA VAL A 147 -17.15 4.63 5.06
C VAL A 147 -16.21 4.17 3.92
N SER A 148 -15.72 5.11 3.13
CA SER A 148 -14.85 4.73 2.00
C SER A 148 -13.57 4.03 2.42
N VAL A 149 -12.94 4.53 3.48
CA VAL A 149 -11.68 3.94 3.93
C VAL A 149 -11.94 2.51 4.45
N PHE A 150 -13.08 2.29 5.12
CA PHE A 150 -13.47 0.96 5.60
C PHE A 150 -13.59 0.00 4.44
N TRP A 151 -14.31 0.39 3.41
CA TRP A 151 -14.57 -0.56 2.32
C TRP A 151 -13.25 -0.81 1.58
N LYS A 152 -12.43 0.21 1.43
CA LYS A 152 -11.17 0.01 0.74
C LYS A 152 -10.34 -1.02 1.47
N THR A 153 -10.20 -0.85 2.78
CA THR A 153 -9.41 -1.73 3.59
C THR A 153 -9.90 -3.18 3.57
N VAL A 154 -11.18 -3.39 3.85
CA VAL A 154 -11.73 -4.75 3.88
C VAL A 154 -11.74 -5.39 2.48
N SER A 155 -12.00 -4.60 1.44
CA SER A 155 -12.01 -5.13 0.07
C SER A 155 -10.60 -5.58 -0.34
N ARG A 156 -9.58 -4.80 0.03
CA ARG A 156 -8.23 -5.20 -0.25
C ARG A 156 -7.92 -6.54 0.41
N ARG A 157 -8.15 -6.62 1.71
CA ARG A 157 -7.90 -7.84 2.46
C ARG A 157 -8.62 -9.07 1.93
N PHE A 158 -9.87 -8.90 1.50
CA PHE A 158 -10.66 -9.99 0.91
C PHE A 158 -9.98 -10.50 -0.37
N ALA A 159 -9.58 -9.59 -1.26
CA ALA A 159 -8.78 -9.96 -2.46
C ALA A 159 -7.49 -10.71 -2.11
N GLU A 160 -6.79 -10.23 -1.10
CA GLU A 160 -5.54 -10.84 -0.68
C GLU A 160 -5.72 -12.28 -0.20
N ALA A 161 -6.94 -12.62 0.24
CA ALA A 161 -7.24 -13.96 0.81
C ALA A 161 -7.44 -15.00 -0.25
N ALA A 162 -7.72 -14.55 -1.48
CA ALA A 162 -8.13 -15.46 -2.54
C ALA A 162 -7.01 -16.35 -3.10
N CYS A 163 -7.38 -17.52 -3.62
CA CYS A 163 -6.42 -18.42 -4.22
C CYS A 163 -7.14 -19.19 -5.35
N ASP A 164 -6.39 -19.88 -6.21
CA ASP A 164 -6.96 -20.78 -7.20
C ASP A 164 -7.82 -20.03 -8.26
N VAL A 165 -9.10 -20.38 -8.42
CA VAL A 165 -9.96 -19.65 -9.37
C VAL A 165 -10.80 -18.67 -8.52
N VAL A 166 -10.73 -17.40 -8.87
CA VAL A 166 -11.50 -16.35 -8.17
C VAL A 166 -12.54 -15.92 -9.19
N HIS A 167 -13.81 -15.75 -8.77
CA HIS A 167 -14.86 -15.35 -9.72
C HIS A 167 -15.28 -13.90 -9.46
N VAL A 168 -15.66 -13.21 -10.54
CA VAL A 168 -16.18 -11.87 -10.43
C VAL A 168 -17.45 -11.71 -11.27
N MET A 169 -18.53 -11.25 -10.64
CA MET A 169 -19.77 -10.91 -11.38
C MET A 169 -19.73 -9.45 -11.79
N LEU A 170 -19.96 -9.19 -13.08
CA LEU A 170 -19.94 -7.84 -13.65
C LEU A 170 -21.27 -7.54 -14.30
N ASP A 171 -21.66 -6.27 -14.23
CA ASP A 171 -22.95 -5.81 -14.66
C ASP A 171 -22.86 -5.39 -16.11
N GLY A 172 -23.37 -6.24 -17.02
CA GLY A 172 -23.23 -6.04 -18.44
C GLY A 172 -24.15 -4.95 -19.00
N SER A 173 -25.04 -4.39 -18.17
CA SER A 173 -25.88 -3.29 -18.63
C SER A 173 -25.23 -1.91 -18.44
N ARG A 174 -24.09 -1.87 -17.74
CA ARG A 174 -23.36 -0.63 -17.49
C ARG A 174 -22.57 -0.15 -18.71
N SER A 175 -22.32 1.14 -18.76
CA SER A 175 -21.49 1.74 -19.82
C SER A 175 -20.06 1.22 -19.80
N LYS A 176 -19.53 1.03 -18.58
CA LYS A 176 -18.23 0.36 -18.40
C LYS A 176 -18.48 -0.93 -17.63
N ILE A 177 -18.59 -2.04 -18.34
CA ILE A 177 -18.79 -3.36 -17.70
C ILE A 177 -17.68 -3.64 -16.70
N PHE A 178 -16.44 -3.47 -17.12
CA PHE A 178 -15.34 -3.38 -16.18
C PHE A 178 -14.98 -1.92 -16.00
N ASP A 179 -15.05 -1.46 -14.76
CA ASP A 179 -14.75 -0.07 -14.44
C ASP A 179 -13.50 0.03 -13.57
N LYS A 180 -12.42 0.57 -14.17
CA LYS A 180 -11.15 0.74 -13.49
C LYS A 180 -11.20 1.56 -12.21
N ASP A 181 -12.21 2.44 -12.11
CA ASP A 181 -12.39 3.28 -10.94
C ASP A 181 -13.21 2.65 -9.81
N SER A 182 -13.83 1.50 -10.06
CA SER A 182 -14.59 0.80 -9.04
C SER A 182 -13.67 0.22 -7.95
N THR A 183 -14.24 -0.17 -6.81
CA THR A 183 -13.47 -0.91 -5.81
C THR A 183 -12.91 -2.18 -6.43
N PHE A 184 -13.72 -2.90 -7.22
CA PHE A 184 -13.18 -4.10 -7.84
C PHE A 184 -11.95 -3.72 -8.67
N GLY A 185 -12.07 -2.71 -9.54
CA GLY A 185 -11.05 -2.45 -10.50
C GLY A 185 -9.84 -1.71 -9.96
N SER A 186 -10.00 -0.93 -8.89
CA SER A 186 -8.91 -0.06 -8.44
C SER A 186 -8.16 -0.65 -7.26
N VAL A 187 -8.83 -1.53 -6.53
CA VAL A 187 -8.27 -2.15 -5.34
C VAL A 187 -8.16 -3.67 -5.49
N GLN A 188 -9.25 -4.36 -5.80
CA GLN A 188 -9.16 -5.82 -5.74
C GLN A 188 -8.29 -6.45 -6.84
N VAL A 189 -8.45 -5.98 -8.07
CA VAL A 189 -7.69 -6.60 -9.19
C VAL A 189 -6.19 -6.47 -8.93
N HIS A 190 -5.81 -5.44 -8.18
CA HIS A 190 -4.38 -5.17 -7.93
C HIS A 190 -3.80 -5.83 -6.67
N ASN A 191 -4.68 -6.52 -5.94
CA ASN A 191 -4.30 -7.18 -4.71
C ASN A 191 -4.57 -8.67 -4.69
N LEU A 192 -5.01 -9.23 -5.82
CA LEU A 192 -4.98 -10.70 -5.97
C LEU A 192 -3.51 -11.07 -5.99
N GLN A 193 -3.15 -12.14 -5.30
CA GLN A 193 -1.76 -12.53 -5.16
C GLN A 193 -1.40 -13.53 -6.27
N PRO A 194 -0.57 -13.10 -7.24
CA PRO A 194 -0.26 -13.93 -8.42
C PRO A 194 0.37 -15.26 -8.03
N GLU A 195 0.99 -15.33 -6.84
CA GLU A 195 1.58 -16.60 -6.38
C GLU A 195 0.52 -17.66 -6.10
N LYS A 196 -0.69 -17.20 -5.77
CA LYS A 196 -1.76 -18.01 -5.16
C LYS A 196 -2.94 -18.17 -6.13
N VAL A 197 -3.22 -17.10 -6.88
CA VAL A 197 -4.36 -17.05 -7.80
C VAL A 197 -4.00 -17.54 -9.19
N GLN A 198 -4.72 -18.56 -9.64
CA GLN A 198 -4.47 -19.16 -10.93
C GLN A 198 -5.22 -18.41 -12.03
N THR A 199 -6.51 -18.13 -11.77
CA THR A 199 -7.41 -17.56 -12.77
C THR A 199 -8.38 -16.60 -12.12
N LEU A 200 -8.69 -15.52 -12.84
CA LEU A 200 -9.85 -14.71 -12.53
C LEU A 200 -10.86 -15.00 -13.62
N GLU A 201 -12.00 -15.49 -13.19
CA GLU A 201 -13.07 -15.77 -14.10
C GLU A 201 -14.20 -14.77 -13.95
N ALA A 202 -14.48 -14.02 -15.02
CA ALA A 202 -15.57 -13.04 -14.99
C ALA A 202 -16.88 -13.59 -15.56
N TRP A 203 -17.97 -13.34 -14.82
CA TRP A 203 -19.30 -13.63 -15.31
C TRP A 203 -20.02 -12.33 -15.61
N VAL A 204 -20.21 -12.08 -16.90
CA VAL A 204 -20.85 -10.86 -17.37
C VAL A 204 -22.38 -11.07 -17.44
N ILE A 205 -23.09 -10.34 -16.57
CA ILE A 205 -24.52 -10.52 -16.34
C ILE A 205 -25.28 -9.57 -17.22
N HIS A 206 -26.05 -10.12 -18.16
CA HIS A 206 -26.84 -9.32 -19.09
C HIS A 206 -28.04 -8.68 -18.40
N GLY A 207 -28.35 -7.44 -18.81
CA GLY A 207 -29.50 -6.70 -18.31
C GLY A 207 -30.40 -6.47 -19.50
N GLY A 208 -29.77 -6.43 -20.67
CA GLY A 208 -30.50 -6.56 -21.94
C GLY A 208 -31.18 -7.89 -21.78
N ARG A 209 -32.51 -7.85 -21.64
CA ARG A 209 -33.27 -8.97 -21.10
C ARG A 209 -32.95 -10.33 -21.71
N GLU A 210 -33.28 -10.50 -22.99
CA GLU A 210 -33.21 -11.81 -23.61
C GLU A 210 -32.09 -11.94 -24.65
N ASP A 211 -32.29 -11.29 -25.81
CA ASP A 211 -31.44 -11.47 -26.99
C ASP A 211 -30.33 -10.39 -27.10
N SER A 212 -29.06 -10.81 -26.95
CA SER A 212 -27.93 -9.90 -26.77
C SER A 212 -26.55 -10.44 -27.27
N ARG A 213 -25.54 -9.56 -27.26
CA ARG A 213 -24.19 -9.81 -27.82
C ARG A 213 -23.25 -10.64 -26.92
N ASP A 214 -22.10 -11.05 -27.46
CA ASP A 214 -21.00 -11.61 -26.65
C ASP A 214 -20.25 -10.47 -25.96
N LEU A 215 -20.68 -10.14 -24.74
CA LEU A 215 -20.08 -9.03 -23.97
C LEU A 215 -18.69 -9.32 -23.39
N CYS A 216 -18.23 -10.57 -23.54
CA CYS A 216 -16.85 -10.91 -23.20
C CYS A 216 -15.85 -10.33 -24.22
N GLN A 217 -16.40 -9.78 -25.32
CA GLN A 217 -15.65 -9.04 -26.34
C GLN A 217 -15.66 -7.51 -26.12
N ASP A 218 -16.36 -7.07 -25.08
CA ASP A 218 -16.42 -5.64 -24.76
C ASP A 218 -15.01 -5.08 -24.58
N PRO A 219 -14.73 -3.87 -25.13
CA PRO A 219 -13.43 -3.24 -24.87
C PRO A 219 -12.95 -3.28 -23.43
N THR A 220 -13.83 -3.01 -22.47
CA THR A 220 -13.42 -2.98 -21.04
C THR A 220 -13.07 -4.36 -20.50
N ILE A 221 -13.63 -5.40 -21.11
CA ILE A 221 -13.34 -6.79 -20.71
C ILE A 221 -11.95 -7.14 -21.23
N LYS A 222 -11.64 -6.67 -22.44
CA LYS A 222 -10.32 -6.86 -23.01
C LYS A 222 -9.27 -6.13 -22.17
N GLU A 223 -9.65 -4.98 -21.66
CA GLU A 223 -8.81 -4.23 -20.74
C GLU A 223 -8.51 -5.03 -19.47
N LEU A 224 -9.55 -5.56 -18.82
CA LEU A 224 -9.42 -6.38 -17.64
C LEU A 224 -8.51 -7.59 -17.90
N GLU A 225 -8.72 -8.21 -19.05
CA GLU A 225 -7.94 -9.36 -19.44
C GLU A 225 -6.47 -9.02 -19.53
N SER A 226 -6.17 -7.86 -20.12
CA SER A 226 -4.81 -7.36 -20.31
C SER A 226 -4.16 -7.12 -18.95
N ILE A 227 -4.89 -6.45 -18.06
CA ILE A 227 -4.33 -6.07 -16.78
C ILE A 227 -3.98 -7.36 -16.02
N ILE A 228 -4.93 -8.28 -15.98
CA ILE A 228 -4.70 -9.46 -15.15
C ILE A 228 -3.66 -10.40 -15.77
N SER A 229 -3.64 -10.50 -17.11
CA SER A 229 -2.67 -11.32 -17.84
C SER A 229 -1.26 -10.84 -17.54
N LYS A 230 -1.10 -9.51 -17.52
CA LYS A 230 0.20 -8.91 -17.22
C LYS A 230 0.59 -9.01 -15.74
N ARG A 231 -0.33 -9.45 -14.87
CA ARG A 231 -0.02 -9.77 -13.48
C ARG A 231 0.44 -11.24 -13.31
N ASN A 232 0.46 -11.99 -14.41
CA ASN A 232 0.71 -13.45 -14.40
C ASN A 232 -0.45 -14.25 -13.77
N ILE A 233 -1.68 -13.84 -14.07
CA ILE A 233 -2.88 -14.54 -13.68
C ILE A 233 -3.68 -14.78 -14.96
N GLN A 234 -4.29 -15.95 -15.09
CA GLN A 234 -5.03 -16.27 -16.33
C GLN A 234 -6.37 -15.58 -16.30
N PHE A 235 -6.97 -15.36 -17.45
CA PHE A 235 -8.30 -14.76 -17.42
C PHE A 235 -9.27 -15.55 -18.25
N SER A 236 -10.48 -15.68 -17.73
CA SER A 236 -11.56 -16.43 -18.34
C SER A 236 -12.81 -15.54 -18.26
N CYS A 237 -13.73 -15.67 -19.22
CA CYS A 237 -14.95 -14.86 -19.17
C CYS A 237 -16.12 -15.69 -19.68
N LYS A 238 -17.29 -15.50 -19.07
CA LYS A 238 -18.56 -16.11 -19.51
C LYS A 238 -19.71 -15.11 -19.47
N ASN A 239 -20.60 -15.18 -20.46
CA ASN A 239 -21.83 -14.40 -20.49
C ASN A 239 -22.91 -15.12 -19.69
N ILE A 240 -23.61 -14.39 -18.83
CA ILE A 240 -24.83 -14.93 -18.26
C ILE A 240 -25.98 -14.13 -18.86
N TYR A 241 -26.55 -14.72 -19.89
CA TYR A 241 -27.55 -14.05 -20.73
C TYR A 241 -28.89 -13.77 -20.02
N ARG A 242 -29.27 -14.67 -19.12
CA ARG A 242 -30.56 -14.54 -18.42
C ARG A 242 -30.35 -14.92 -16.95
N PRO A 243 -30.11 -13.92 -16.09
CA PRO A 243 -29.77 -14.29 -14.72
C PRO A 243 -30.95 -14.93 -13.96
N ASP A 244 -32.18 -14.74 -14.44
CA ASP A 244 -33.32 -15.41 -13.82
C ASP A 244 -33.20 -16.93 -14.03
N LYS A 245 -32.78 -17.35 -15.22
CA LYS A 245 -32.62 -18.77 -15.55
C LYS A 245 -31.42 -19.33 -14.78
N PHE A 246 -30.35 -18.56 -14.81
CA PHE A 246 -29.14 -18.88 -14.04
C PHE A 246 -29.50 -19.22 -12.59
N LEU A 247 -30.13 -18.29 -11.87
CA LEU A 247 -30.51 -18.58 -10.48
C LEU A 247 -31.41 -19.80 -10.33
N GLN A 248 -32.34 -20.01 -11.27
CA GLN A 248 -33.19 -21.20 -11.25
C GLN A 248 -32.39 -22.48 -11.41
N CYS A 249 -31.41 -22.46 -12.31
CA CYS A 249 -30.52 -23.60 -12.52
C CYS A 249 -29.60 -23.87 -11.31
N VAL A 250 -29.26 -22.82 -10.58
CA VAL A 250 -28.45 -22.98 -9.36
C VAL A 250 -29.31 -23.70 -8.31
N LYS A 251 -30.57 -23.29 -8.18
CA LYS A 251 -31.47 -23.88 -7.19
C LYS A 251 -31.90 -25.30 -7.55
N ASN A 252 -32.00 -25.56 -8.85
CA ASN A 252 -32.45 -26.85 -9.36
C ASN A 252 -31.73 -27.23 -10.64
N PRO A 253 -30.46 -27.67 -10.55
CA PRO A 253 -29.68 -27.99 -11.76
C PRO A 253 -30.16 -29.24 -12.46
N GLU A 254 -31.07 -29.95 -11.77
CA GLU A 254 -31.77 -31.09 -12.32
C GLU A 254 -32.93 -30.58 -13.20
N ASP A 255 -32.70 -29.47 -13.89
CA ASP A 255 -33.73 -28.83 -14.70
C ASP A 255 -33.40 -28.91 -16.19
N SER A 256 -34.41 -29.31 -16.96
CA SER A 256 -34.33 -29.49 -18.41
C SER A 256 -33.77 -28.29 -19.18
N SER A 257 -34.27 -27.09 -18.88
CA SER A 257 -33.82 -25.87 -19.56
C SER A 257 -32.31 -25.62 -19.37
N CYS A 258 -31.78 -26.09 -18.24
CA CYS A 258 -30.42 -25.81 -17.84
C CYS A 258 -29.38 -26.51 -18.69
N ARG B 7 -7.69 16.09 -21.47
CA ARG B 7 -8.88 15.93 -20.60
C ARG B 7 -8.63 16.62 -19.24
N TRP B 8 -9.70 16.72 -18.46
CA TRP B 8 -9.65 17.46 -17.20
C TRP B 8 -9.35 16.57 -15.99
N ARG B 9 -9.19 15.27 -16.21
CA ARG B 9 -8.97 14.32 -15.13
C ARG B 9 -7.52 13.84 -15.09
N GLN B 10 -7.01 13.59 -13.88
CA GLN B 10 -5.73 12.91 -13.76
C GLN B 10 -5.99 11.54 -13.17
N THR B 11 -5.27 10.56 -13.65
CA THR B 11 -5.45 9.17 -13.20
C THR B 11 -5.13 8.99 -11.73
N TRP B 12 -4.06 9.64 -11.25
CA TRP B 12 -3.52 9.35 -9.88
C TRP B 12 -3.47 10.56 -8.94
N SER B 13 -3.22 10.32 -7.64
CA SER B 13 -3.24 11.40 -6.64
C SER B 13 -1.88 12.01 -6.37
N GLY B 14 -0.81 11.31 -6.74
CA GLY B 14 0.54 11.76 -6.40
C GLY B 14 1.11 12.58 -7.54
N PRO B 15 2.26 13.26 -7.29
CA PRO B 15 2.95 13.94 -8.39
C PRO B 15 3.33 13.02 -9.50
N GLY B 16 3.37 13.60 -10.70
CA GLY B 16 3.78 12.85 -11.88
C GLY B 16 5.29 12.70 -12.05
N THR B 17 5.66 12.08 -13.16
CA THR B 17 7.11 11.86 -13.43
C THR B 17 7.82 13.21 -13.51
N THR B 18 8.97 13.29 -12.85
CA THR B 18 9.82 14.49 -12.93
C THR B 18 10.14 14.88 -14.37
N LYS B 19 9.99 16.15 -14.70
CA LYS B 19 10.26 16.62 -16.08
C LYS B 19 11.64 16.15 -16.56
N ARG B 20 11.72 15.79 -17.85
CA ARG B 20 12.95 15.32 -18.51
C ARG B 20 13.62 14.16 -17.74
N PHE B 21 12.78 13.29 -17.17
CA PHE B 21 13.24 12.14 -16.37
C PHE B 21 14.30 11.30 -17.13
N PRO B 22 14.02 10.88 -18.37
CA PRO B 22 15.01 10.06 -19.08
C PRO B 22 16.36 10.77 -19.22
N GLU B 23 16.32 12.03 -19.60
CA GLU B 23 17.56 12.81 -19.77
C GLU B 23 18.31 12.95 -18.45
N THR B 24 17.55 13.18 -17.37
CA THR B 24 18.09 13.38 -16.03
C THR B 24 18.78 12.11 -15.50
N VAL B 25 18.11 10.97 -15.61
CA VAL B 25 18.66 9.66 -15.24
C VAL B 25 19.96 9.36 -16.01
N LEU B 26 19.92 9.54 -17.33
CA LEU B 26 21.14 9.28 -18.14
C LEU B 26 22.30 10.17 -17.72
N ALA B 27 22.02 11.47 -17.51
CA ALA B 27 23.05 12.45 -17.11
C ALA B 27 23.65 12.15 -15.73
N ARG B 28 22.80 11.71 -14.81
CA ARG B 28 23.24 11.36 -13.47
C ARG B 28 24.15 10.16 -13.51
N CYS B 29 23.81 9.21 -14.37
CA CYS B 29 24.62 8.02 -14.55
C CYS B 29 26.00 8.43 -15.08
N VAL B 30 26.02 9.25 -16.12
CA VAL B 30 27.28 9.77 -16.69
C VAL B 30 28.13 10.48 -15.62
N LYS B 31 27.49 11.40 -14.89
CA LYS B 31 28.16 12.11 -13.81
C LYS B 31 28.72 11.19 -12.70
N TYR B 32 27.91 10.26 -12.21
CA TYR B 32 28.36 9.33 -11.17
C TYR B 32 29.62 8.55 -11.56
N THR B 33 29.64 8.03 -12.78
CA THR B 33 30.79 7.22 -13.18
C THR B 33 32.02 8.10 -13.40
N GLU B 34 31.78 9.34 -13.84
CA GLU B 34 32.87 10.34 -13.95
C GLU B 34 33.55 10.60 -12.60
N ILE B 35 32.72 10.79 -11.57
CA ILE B 35 33.17 11.04 -10.20
C ILE B 35 33.70 9.77 -9.51
N HIS B 36 33.10 8.63 -9.83
CA HIS B 36 33.44 7.37 -9.19
C HIS B 36 34.06 6.38 -10.20
N PRO B 37 35.39 6.46 -10.40
CA PRO B 37 36.02 5.66 -11.45
C PRO B 37 35.86 4.15 -11.30
N GLU B 38 35.53 3.70 -10.10
CA GLU B 38 35.37 2.26 -9.88
C GLU B 38 34.10 1.73 -10.57
N MET B 39 33.16 2.63 -10.85
CA MET B 39 31.91 2.21 -11.49
C MET B 39 31.88 2.45 -12.99
N ARG B 40 33.05 2.64 -13.61
CA ARG B 40 33.10 2.98 -15.05
C ARG B 40 32.85 1.80 -16.02
N HIS B 41 32.83 0.58 -15.48
CA HIS B 41 32.45 -0.59 -16.28
C HIS B 41 30.96 -0.54 -16.65
N VAL B 42 30.25 0.44 -16.11
CA VAL B 42 28.81 0.56 -16.39
C VAL B 42 28.57 1.17 -17.76
N ASP B 43 27.54 0.69 -18.45
CA ASP B 43 27.11 1.29 -19.70
C ASP B 43 25.87 2.09 -19.36
N CYS B 44 25.96 3.41 -19.37
CA CYS B 44 24.87 4.22 -18.86
C CYS B 44 23.58 4.05 -19.66
N GLN B 45 23.69 3.83 -20.97
CA GLN B 45 22.49 3.57 -21.79
C GLN B 45 21.81 2.24 -21.41
N SER B 46 22.61 1.21 -21.15
CA SER B 46 22.09 -0.08 -20.69
C SER B 46 21.37 0.09 -19.36
N VAL B 47 21.94 0.92 -18.48
CA VAL B 47 21.35 1.23 -17.18
C VAL B 47 20.00 1.91 -17.36
N TRP B 48 19.94 2.95 -18.19
CA TRP B 48 18.64 3.61 -18.48
C TRP B 48 17.65 2.61 -19.06
N ASP B 49 18.13 1.76 -19.98
CA ASP B 49 17.27 0.79 -20.63
C ASP B 49 16.68 -0.19 -19.60
N ALA B 50 17.51 -0.66 -18.67
CA ALA B 50 17.01 -1.55 -17.62
C ALA B 50 16.00 -0.88 -16.67
N PHE B 51 16.29 0.38 -16.28
CA PHE B 51 15.38 1.18 -15.45
C PHE B 51 14.02 1.33 -16.14
N LYS B 52 14.02 1.85 -17.36
CA LYS B 52 12.80 2.03 -18.16
C LYS B 52 12.01 0.71 -18.25
N GLY B 53 12.72 -0.37 -18.53
CA GLY B 53 12.12 -1.70 -18.60
C GLY B 53 11.38 -2.15 -17.36
N ALA B 54 11.72 -1.60 -16.18
CA ALA B 54 11.08 -2.04 -14.94
C ALA B 54 9.66 -1.57 -14.84
N PHE B 55 9.32 -0.49 -15.57
CA PHE B 55 8.02 0.16 -15.36
C PHE B 55 7.27 0.60 -16.62
N ILE B 56 7.98 0.76 -17.74
CA ILE B 56 7.29 1.23 -18.97
C ILE B 56 6.30 0.17 -19.41
N SER B 57 5.10 0.60 -19.81
CA SER B 57 4.03 -0.30 -20.30
C SER B 57 3.27 -1.07 -19.22
N LYS B 58 3.75 -1.00 -18.00
CA LYS B 58 3.20 -1.80 -16.91
C LYS B 58 2.21 -0.95 -16.13
N HIS B 59 1.16 -1.57 -15.61
CA HIS B 59 0.19 -0.85 -14.80
C HIS B 59 0.93 -0.41 -13.52
N PRO B 60 0.89 0.89 -13.20
CA PRO B 60 1.76 1.34 -12.11
C PRO B 60 1.30 0.99 -10.71
N CYS B 61 0.28 0.14 -10.57
CA CYS B 61 -0.08 -0.50 -9.29
C CYS B 61 0.37 -1.97 -9.16
N ASP B 62 1.06 -2.45 -10.19
CA ASP B 62 1.36 -3.87 -10.34
C ASP B 62 2.84 -4.13 -10.44
N ILE B 63 3.64 -3.17 -9.96
CA ILE B 63 5.08 -3.29 -10.06
C ILE B 63 5.60 -4.30 -9.01
N THR B 64 6.60 -5.08 -9.39
CA THR B 64 7.14 -6.12 -8.51
C THR B 64 8.64 -5.91 -8.34
N GLU B 65 9.20 -6.47 -7.28
CA GLU B 65 10.67 -6.43 -7.11
C GLU B 65 11.42 -7.10 -8.26
N GLU B 66 10.83 -8.16 -8.82
CA GLU B 66 11.39 -8.84 -9.97
C GLU B 66 11.46 -7.94 -11.21
N ASP B 67 10.57 -6.95 -11.30
CA ASP B 67 10.64 -5.96 -12.38
C ASP B 67 11.97 -5.20 -12.35
N TYR B 68 12.48 -4.95 -11.16
CA TYR B 68 13.74 -4.19 -11.02
C TYR B 68 15.03 -5.05 -11.07
N GLN B 69 14.90 -6.36 -11.24
CA GLN B 69 16.09 -7.23 -11.17
C GLN B 69 17.15 -6.88 -12.21
N PRO B 70 16.75 -6.69 -13.48
CA PRO B 70 17.78 -6.32 -14.48
C PRO B 70 18.56 -5.07 -14.09
N LEU B 71 17.85 -4.06 -13.61
CA LEU B 71 18.48 -2.86 -13.07
C LEU B 71 19.43 -3.12 -11.89
N MET B 72 18.96 -3.87 -10.90
CA MET B 72 19.76 -4.27 -9.75
C MET B 72 21.05 -4.95 -10.20
N LYS B 73 20.96 -5.79 -11.22
CA LYS B 73 22.12 -6.53 -11.73
C LYS B 73 23.16 -5.57 -12.27
N LEU B 74 22.74 -4.70 -13.20
CA LEU B 74 23.66 -3.75 -13.83
C LEU B 74 24.25 -2.76 -12.83
N GLY B 75 23.47 -2.40 -11.82
CA GLY B 75 23.92 -1.44 -10.84
C GLY B 75 24.58 -2.05 -9.61
N THR B 76 24.95 -3.34 -9.69
CA THR B 76 25.74 -4.03 -8.63
C THR B 76 26.95 -3.19 -8.21
N GLN B 77 27.13 -3.02 -6.90
CA GLN B 77 28.19 -2.18 -6.39
C GLN B 77 28.51 -2.58 -4.96
N THR B 78 29.78 -2.89 -4.71
CA THR B 78 30.26 -3.26 -3.37
C THR B 78 30.80 -2.02 -2.70
N VAL B 79 30.12 -1.57 -1.67
CA VAL B 79 30.68 -0.53 -0.82
C VAL B 79 31.22 -1.26 0.42
N PRO B 80 32.26 -0.71 1.05
CA PRO B 80 32.77 -1.41 2.25
C PRO B 80 31.63 -1.57 3.25
N CYS B 81 31.33 -2.81 3.67
CA CYS B 81 30.10 -3.07 4.43
C CYS B 81 30.07 -2.49 5.84
N ASN B 82 31.24 -2.10 6.33
CA ASN B 82 31.37 -1.58 7.68
C ASN B 82 31.33 -0.06 7.72
N LYS B 83 30.97 0.53 6.60
CA LYS B 83 30.94 1.98 6.49
C LYS B 83 29.61 2.45 5.93
N ILE B 84 28.54 1.81 6.38
CA ILE B 84 27.20 2.10 5.92
C ILE B 84 26.43 3.04 6.87
N LEU B 85 25.85 4.10 6.29
CA LEU B 85 25.02 5.04 7.04
C LEU B 85 23.56 4.98 6.61
N LEU B 86 22.71 4.56 7.55
CA LEU B 86 21.29 4.57 7.32
C LEU B 86 20.73 5.89 7.89
N TRP B 87 19.52 6.25 7.50
CA TRP B 87 18.93 7.50 7.99
C TRP B 87 17.42 7.44 7.91
N SER B 88 16.78 8.28 8.69
CA SER B 88 15.32 8.47 8.63
C SER B 88 15.03 9.94 8.88
N ARG B 89 14.31 10.56 7.95
CA ARG B 89 13.87 11.97 8.06
C ARG B 89 14.97 13.00 7.93
N ILE B 90 16.15 12.73 8.50
CA ILE B 90 17.24 13.70 8.50
C ILE B 90 18.15 13.51 7.29
N LYS B 91 17.52 13.53 6.12
CA LYS B 91 18.19 13.33 4.83
C LYS B 91 19.39 14.22 4.57
N ASP B 92 19.20 15.54 4.71
CA ASP B 92 20.22 16.52 4.37
C ASP B 92 21.46 16.41 5.27
N LEU B 93 21.28 16.20 6.57
CA LEU B 93 22.47 16.07 7.44
C LEU B 93 23.24 14.81 7.08
N ALA B 94 22.51 13.72 6.82
CA ALA B 94 23.16 12.45 6.55
C ALA B 94 24.05 12.61 5.33
N HIS B 95 23.54 13.27 4.29
CA HIS B 95 24.27 13.48 3.03
C HIS B 95 25.39 14.50 3.19
N GLN B 96 25.15 15.56 3.97
CA GLN B 96 26.21 16.52 4.26
C GLN B 96 27.36 15.79 4.94
N PHE B 97 27.02 14.85 5.84
CA PHE B 97 28.00 14.06 6.56
C PHE B 97 28.90 13.23 5.64
N THR B 98 28.34 12.38 4.78
CA THR B 98 29.16 11.59 3.84
C THR B 98 29.74 12.44 2.67
N GLN B 99 29.35 13.71 2.58
CA GLN B 99 30.01 14.60 1.64
C GLN B 99 31.38 15.00 2.21
N VAL B 100 31.50 14.86 3.53
CA VAL B 100 32.69 15.23 4.28
C VAL B 100 33.49 13.99 4.69
N GLN B 101 32.85 13.09 5.45
CA GLN B 101 33.44 11.81 5.82
C GLN B 101 33.35 10.88 4.61
N ARG B 102 34.25 11.08 3.65
CA ARG B 102 34.18 10.43 2.34
C ARG B 102 34.32 8.93 2.45
N ASP B 103 34.63 8.51 3.66
CA ASP B 103 34.76 7.11 3.98
C ASP B 103 33.41 6.38 3.99
N MET B 104 32.36 7.07 4.42
CA MET B 104 31.05 6.43 4.63
C MET B 104 30.04 6.67 3.50
N PHE B 105 28.99 5.84 3.48
CA PHE B 105 28.07 5.76 2.33
C PHE B 105 26.62 5.64 2.79
N THR B 106 25.76 6.55 2.31
CA THR B 106 24.33 6.33 2.41
C THR B 106 23.89 5.62 1.12
N LEU B 107 22.66 5.13 1.08
CA LEU B 107 22.11 4.56 -0.14
C LEU B 107 22.22 5.50 -1.36
N GLU B 108 22.07 6.79 -1.10
CA GLU B 108 22.07 7.77 -2.20
C GLU B 108 23.50 8.08 -2.73
N ASP B 109 24.52 7.54 -2.07
CA ASP B 109 25.91 7.63 -2.51
C ASP B 109 26.30 6.45 -3.40
N THR B 110 25.42 5.45 -3.50
CA THR B 110 25.56 4.35 -4.48
C THR B 110 24.96 4.75 -5.84
N LEU B 111 25.39 4.12 -6.94
CA LEU B 111 24.88 4.50 -8.25
C LEU B 111 23.37 4.49 -8.27
N LEU B 112 22.75 3.37 -7.86
CA LEU B 112 21.28 3.27 -7.95
C LEU B 112 20.53 4.33 -7.14
N GLY B 113 20.97 4.58 -5.91
CA GLY B 113 20.31 5.61 -5.09
C GLY B 113 20.51 7.00 -5.70
N TYR B 114 21.72 7.23 -6.24
CA TYR B 114 22.09 8.53 -6.80
C TYR B 114 21.22 8.84 -8.02
N LEU B 115 20.98 7.83 -8.84
CA LEU B 115 20.15 7.97 -10.05
C LEU B 115 18.73 8.44 -9.69
N ALA B 116 18.16 7.82 -8.66
CA ALA B 116 16.72 7.95 -8.36
C ALA B 116 16.38 9.01 -7.33
N ASP B 117 17.38 9.44 -6.56
CA ASP B 117 17.14 10.38 -5.45
C ASP B 117 16.31 11.62 -5.85
N ASP B 118 15.21 11.86 -5.11
CA ASP B 118 14.33 13.03 -5.32
C ASP B 118 13.54 13.03 -6.66
N LEU B 119 13.52 11.92 -7.38
CA LEU B 119 12.75 11.86 -8.65
C LEU B 119 11.49 11.03 -8.44
N THR B 120 10.56 11.21 -9.35
CA THR B 120 9.32 10.46 -9.35
C THR B 120 9.14 9.93 -10.78
N TRP B 121 8.61 8.73 -10.92
CA TRP B 121 8.39 8.21 -12.26
C TRP B 121 7.25 7.19 -12.24
N CYS B 122 6.55 7.07 -13.37
CA CYS B 122 5.62 5.97 -13.57
C CYS B 122 5.29 5.92 -15.05
N GLY B 123 4.73 4.79 -15.46
CA GLY B 123 4.31 4.57 -16.84
C GLY B 123 2.79 4.47 -16.92
N GLU B 124 2.31 4.09 -18.08
CA GLU B 124 0.90 3.91 -18.29
C GLU B 124 0.71 2.52 -18.76
N PHE B 125 -0.40 1.93 -18.36
CA PHE B 125 -0.65 0.60 -18.70
C PHE B 125 -0.77 0.41 -20.21
N ASP B 126 0.07 -0.46 -20.75
CA ASP B 126 -0.05 -0.93 -22.15
C ASP B 126 0.15 0.19 -23.19
N THR B 127 0.90 1.23 -22.81
CA THR B 127 1.48 2.16 -23.78
C THR B 127 2.96 2.32 -23.44
N SER B 128 3.75 2.85 -24.35
CA SER B 128 5.17 3.11 -24.05
C SER B 128 5.41 4.43 -23.31
N LYS B 129 4.34 5.17 -23.03
CA LYS B 129 4.47 6.57 -22.56
C LYS B 129 4.78 6.71 -21.07
N ILE B 130 5.66 7.66 -20.72
CA ILE B 130 5.86 8.10 -19.34
C ILE B 130 4.72 9.02 -18.96
N ASN B 131 4.22 8.88 -17.74
CA ASN B 131 3.12 9.72 -17.24
C ASN B 131 3.72 10.92 -16.50
N TYR B 132 3.70 12.09 -17.16
CA TYR B 132 4.23 13.30 -16.58
C TYR B 132 3.21 14.12 -15.79
N GLN B 133 1.96 13.65 -15.73
CA GLN B 133 0.88 14.41 -15.12
C GLN B 133 0.64 13.98 -13.67
N SER B 134 0.61 12.67 -13.43
CA SER B 134 0.42 12.17 -12.08
C SER B 134 0.91 10.72 -11.98
N CYS B 135 1.29 10.31 -10.77
CA CYS B 135 1.68 8.93 -10.44
C CYS B 135 0.99 8.46 -9.13
N PRO B 136 0.80 7.13 -8.93
CA PRO B 136 0.13 6.68 -7.69
C PRO B 136 0.77 7.21 -6.40
N ASP B 137 -0.06 7.68 -5.49
CA ASP B 137 0.38 7.89 -4.12
C ASP B 137 0.32 6.56 -3.37
N TRP B 138 1.37 6.28 -2.61
CA TRP B 138 1.49 5.02 -1.84
C TRP B 138 0.29 4.72 -0.94
N ARG B 139 -0.25 5.75 -0.31
CA ARG B 139 -1.34 5.59 0.66
C ARG B 139 -2.70 5.65 0.01
N LYS B 140 -2.94 6.66 -0.83
CA LYS B 140 -4.25 6.89 -1.44
C LYS B 140 -4.55 6.05 -2.68
N ASP B 141 -3.51 5.70 -3.43
CA ASP B 141 -3.70 4.90 -4.63
C ASP B 141 -3.27 3.45 -4.41
N CYS B 142 -1.96 3.18 -4.43
CA CYS B 142 -1.48 1.78 -4.32
C CYS B 142 -0.01 1.75 -3.92
N SER B 143 0.36 0.75 -3.13
CA SER B 143 1.71 0.65 -2.62
C SER B 143 2.66 0.05 -3.65
N ASN B 144 2.13 -0.75 -4.59
CA ASN B 144 3.02 -1.45 -5.50
C ASN B 144 3.32 -0.62 -6.74
N ASN B 145 3.83 0.58 -6.50
CA ASN B 145 4.03 1.52 -7.60
C ASN B 145 5.53 1.66 -7.97
N PRO B 146 5.84 2.21 -9.17
CA PRO B 146 7.24 2.19 -9.59
C PRO B 146 8.22 2.77 -8.56
N VAL B 147 7.88 3.91 -7.97
CA VAL B 147 8.83 4.57 -7.09
C VAL B 147 8.90 3.80 -5.78
N SER B 148 7.75 3.40 -5.22
CA SER B 148 7.80 2.71 -3.89
C SER B 148 8.52 1.38 -3.93
N VAL B 149 8.25 0.59 -4.98
CA VAL B 149 8.86 -0.73 -5.15
C VAL B 149 10.37 -0.58 -5.34
N PHE B 150 10.80 0.41 -6.14
CA PHE B 150 12.22 0.68 -6.30
C PHE B 150 12.87 0.93 -4.95
N TRP B 151 12.32 1.84 -4.16
CA TRP B 151 13.00 2.16 -2.89
C TRP B 151 12.97 0.99 -1.93
N LYS B 152 11.85 0.26 -1.89
CA LYS B 152 11.79 -0.95 -1.05
C LYS B 152 12.86 -1.96 -1.44
N THR B 153 13.05 -2.19 -2.73
CA THR B 153 13.99 -3.19 -3.19
C THR B 153 15.43 -2.75 -2.88
N VAL B 154 15.78 -1.52 -3.22
CA VAL B 154 17.16 -1.08 -3.01
C VAL B 154 17.55 -0.93 -1.53
N SER B 155 16.59 -0.50 -0.69
CA SER B 155 16.83 -0.23 0.74
C SER B 155 17.05 -1.56 1.47
N ARG B 156 16.31 -2.60 1.08
CA ARG B 156 16.48 -3.91 1.66
C ARG B 156 17.85 -4.46 1.29
N ARG B 157 18.17 -4.44 -0.01
CA ARG B 157 19.49 -4.92 -0.49
C ARG B 157 20.68 -4.22 0.20
N PHE B 158 20.56 -2.90 0.39
CA PHE B 158 21.57 -2.11 1.11
C PHE B 158 21.76 -2.54 2.56
N ALA B 159 20.67 -2.73 3.29
CA ALA B 159 20.73 -3.17 4.69
C ALA B 159 21.34 -4.58 4.79
N GLU B 160 20.93 -5.47 3.88
CA GLU B 160 21.46 -6.82 3.79
C GLU B 160 22.97 -6.91 3.59
N ALA B 161 23.55 -5.90 2.95
CA ALA B 161 24.99 -5.85 2.70
C ALA B 161 25.81 -5.41 3.93
N ALA B 162 25.19 -4.61 4.80
CA ALA B 162 25.88 -3.99 5.96
C ALA B 162 26.50 -4.99 6.91
N CYS B 163 27.58 -4.58 7.55
CA CYS B 163 28.32 -5.47 8.45
C CYS B 163 29.00 -4.69 9.59
N ASP B 164 29.49 -5.39 10.61
CA ASP B 164 30.18 -4.75 11.74
C ASP B 164 29.24 -3.78 12.48
N VAL B 165 29.66 -2.52 12.53
CA VAL B 165 28.82 -1.46 13.08
C VAL B 165 28.10 -0.71 11.97
N VAL B 166 26.79 -0.74 12.05
CA VAL B 166 25.94 0.02 11.17
C VAL B 166 25.45 1.22 11.95
N HIS B 167 25.61 2.40 11.36
CA HIS B 167 25.13 3.64 11.96
C HIS B 167 23.84 4.08 11.31
N VAL B 168 22.94 4.64 12.11
CA VAL B 168 21.70 5.21 11.58
C VAL B 168 21.51 6.61 12.17
N MET B 169 21.30 7.59 11.31
CA MET B 169 20.98 8.93 11.79
C MET B 169 19.47 9.09 11.94
N LEU B 170 19.03 9.50 13.14
CA LEU B 170 17.62 9.71 13.40
C LEU B 170 17.26 11.17 13.76
N ASP B 171 16.10 11.64 13.31
CA ASP B 171 15.71 13.02 13.60
C ASP B 171 15.03 13.13 14.95
N GLY B 172 15.72 13.76 15.90
CA GLY B 172 15.25 13.82 17.28
C GLY B 172 14.32 14.97 17.61
N SER B 173 13.91 15.72 16.59
CA SER B 173 12.86 16.72 16.76
C SER B 173 11.49 16.18 16.29
N ARG B 174 11.50 14.97 15.75
CA ARG B 174 10.27 14.25 15.38
C ARG B 174 9.56 13.79 16.65
N SER B 175 8.24 13.61 16.54
CA SER B 175 7.46 13.00 17.62
C SER B 175 7.45 11.47 17.49
N LYS B 176 7.98 10.98 16.36
CA LYS B 176 8.34 9.57 16.23
C LYS B 176 9.78 9.50 15.76
N ILE B 177 10.72 9.69 16.69
CA ILE B 177 12.16 9.68 16.39
C ILE B 177 12.57 8.41 15.65
N PHE B 178 12.13 7.28 16.20
CA PHE B 178 12.14 6.05 15.45
C PHE B 178 10.70 5.74 15.11
N ASP B 179 10.50 5.34 13.86
CA ASP B 179 9.20 5.05 13.35
C ASP B 179 9.27 3.68 12.71
N LYS B 180 8.62 2.73 13.37
CA LYS B 180 8.57 1.33 12.97
C LYS B 180 7.99 1.11 11.56
N ASP B 181 7.22 2.08 11.08
CA ASP B 181 6.55 1.96 9.79
C ASP B 181 7.29 2.66 8.64
N SER B 182 8.38 3.38 8.96
CA SER B 182 9.23 4.00 7.94
C SER B 182 9.94 2.92 7.13
N THR B 183 10.57 3.32 6.02
CA THR B 183 11.44 2.40 5.27
C THR B 183 12.56 1.82 6.14
N PHE B 184 13.17 2.64 6.97
CA PHE B 184 14.21 2.15 7.87
C PHE B 184 13.64 1.14 8.86
N GLY B 185 12.49 1.47 9.44
CA GLY B 185 11.87 0.66 10.48
C GLY B 185 11.27 -0.63 9.95
N SER B 186 10.71 -0.56 8.74
CA SER B 186 9.96 -1.68 8.16
C SER B 186 10.77 -2.57 7.20
N VAL B 187 11.72 -1.98 6.50
CA VAL B 187 12.48 -2.70 5.48
C VAL B 187 13.88 -3.03 5.97
N GLN B 188 14.55 -2.07 6.61
CA GLN B 188 15.98 -2.19 6.85
C GLN B 188 16.36 -2.89 8.14
N VAL B 189 15.78 -2.47 9.25
CA VAL B 189 16.15 -3.04 10.54
C VAL B 189 15.99 -4.57 10.56
N HIS B 190 14.89 -5.04 9.97
CA HIS B 190 14.58 -6.46 9.95
C HIS B 190 15.40 -7.24 8.93
N ASN B 191 16.18 -6.52 8.11
CA ASN B 191 17.09 -7.15 7.17
C ASN B 191 18.57 -7.02 7.51
N LEU B 192 18.87 -6.43 8.66
CA LEU B 192 20.25 -6.45 9.16
C LEU B 192 20.57 -7.87 9.59
N GLN B 193 21.69 -8.40 9.15
CA GLN B 193 22.04 -9.81 9.39
C GLN B 193 22.94 -10.01 10.63
N PRO B 194 22.41 -10.64 11.70
CA PRO B 194 23.19 -10.97 12.90
C PRO B 194 24.55 -11.63 12.65
N GLU B 195 24.67 -12.40 11.57
CA GLU B 195 25.93 -13.10 11.27
C GLU B 195 26.99 -12.12 10.74
N LYS B 196 26.52 -10.99 10.23
CA LYS B 196 27.37 -9.95 9.65
C LYS B 196 27.44 -8.73 10.56
N VAL B 197 26.28 -8.30 11.05
CA VAL B 197 26.17 -7.05 11.81
C VAL B 197 26.36 -7.33 13.30
N GLN B 198 27.33 -6.66 13.90
CA GLN B 198 27.58 -6.74 15.32
C GLN B 198 26.74 -5.71 16.13
N THR B 199 26.61 -4.50 15.57
CA THR B 199 26.04 -3.36 16.29
C THR B 199 25.26 -2.40 15.39
N LEU B 200 24.08 -1.98 15.85
CA LEU B 200 23.44 -0.80 15.26
C LEU B 200 23.68 0.33 16.22
N GLU B 201 24.19 1.44 15.67
CA GLU B 201 24.48 2.59 16.49
C GLU B 201 23.67 3.74 15.94
N ALA B 202 22.77 4.24 16.78
CA ALA B 202 21.92 5.37 16.39
C ALA B 202 22.54 6.67 16.86
N TRP B 203 22.54 7.65 15.97
CA TRP B 203 22.99 9.00 16.25
C TRP B 203 21.76 9.86 16.22
N VAL B 204 21.35 10.35 17.38
CA VAL B 204 20.10 11.09 17.47
C VAL B 204 20.34 12.60 17.41
N ILE B 205 19.92 13.19 16.29
CA ILE B 205 20.18 14.59 16.00
C ILE B 205 19.17 15.50 16.70
N HIS B 206 19.67 16.34 17.60
CA HIS B 206 18.83 17.32 18.30
C HIS B 206 18.40 18.48 17.40
N GLY B 207 17.17 18.94 17.62
CA GLY B 207 16.57 20.03 16.83
C GLY B 207 15.52 20.83 17.60
N GLY B 208 15.66 20.87 18.92
CA GLY B 208 14.83 21.73 19.77
C GLY B 208 15.48 23.08 19.92
N ARG B 209 15.35 23.70 21.10
CA ARG B 209 16.07 24.93 21.37
C ARG B 209 17.56 24.61 21.55
N GLU B 210 18.24 25.34 22.42
CA GLU B 210 19.66 25.07 22.65
C GLU B 210 19.84 23.82 23.52
N ASP B 211 19.61 23.96 24.82
CA ASP B 211 19.67 22.86 25.79
C ASP B 211 18.67 21.76 25.46
N SER B 212 18.94 20.54 25.95
CA SER B 212 18.07 19.38 25.69
C SER B 212 18.33 18.12 26.51
N ARG B 213 17.30 17.25 26.48
CA ARG B 213 17.24 15.97 27.18
C ARG B 213 18.05 14.88 26.49
N ASP B 214 18.30 13.78 27.20
CA ASP B 214 18.88 12.60 26.61
C ASP B 214 17.83 11.90 25.74
N LEU B 215 17.87 12.16 24.44
CA LEU B 215 16.88 11.59 23.54
C LEU B 215 17.09 10.09 23.30
N CYS B 216 18.22 9.56 23.78
CA CYS B 216 18.45 8.12 23.74
C CYS B 216 17.48 7.36 24.64
N GLN B 217 16.83 8.06 25.56
CA GLN B 217 15.88 7.42 26.47
C GLN B 217 14.43 7.59 26.04
N ASP B 218 14.23 8.23 24.88
CA ASP B 218 12.89 8.38 24.31
C ASP B 218 12.30 7.00 24.01
N PRO B 219 11.02 6.80 24.34
CA PRO B 219 10.44 5.46 24.26
C PRO B 219 10.51 4.82 22.86
N THR B 220 10.49 5.62 21.80
CA THR B 220 10.58 5.06 20.44
C THR B 220 11.98 4.50 20.17
N ILE B 221 12.99 5.11 20.81
CA ILE B 221 14.37 4.61 20.78
C ILE B 221 14.48 3.33 21.61
N LYS B 222 13.79 3.30 22.76
CA LYS B 222 13.69 2.07 23.56
C LYS B 222 12.99 0.96 22.76
N GLU B 223 12.08 1.35 21.88
CA GLU B 223 11.42 0.42 20.96
C GLU B 223 12.38 -0.09 19.89
N LEU B 224 13.20 0.81 19.32
CA LEU B 224 14.20 0.39 18.35
C LEU B 224 15.16 -0.61 18.99
N GLU B 225 15.67 -0.24 20.18
CA GLU B 225 16.58 -1.08 20.95
C GLU B 225 16.01 -2.49 21.22
N SER B 226 14.72 -2.57 21.53
CA SER B 226 14.11 -3.88 21.81
C SER B 226 14.11 -4.76 20.55
N ILE B 227 13.78 -4.14 19.42
CA ILE B 227 13.73 -4.85 18.15
C ILE B 227 15.10 -5.45 17.77
N ILE B 228 16.13 -4.62 17.64
CA ILE B 228 17.43 -5.15 17.20
C ILE B 228 18.04 -6.07 18.26
N SER B 229 17.75 -5.79 19.53
CA SER B 229 18.15 -6.68 20.63
C SER B 229 17.68 -8.10 20.38
N LYS B 230 16.44 -8.24 19.91
CA LYS B 230 15.86 -9.57 19.68
C LYS B 230 16.45 -10.21 18.42
N ARG B 231 16.78 -9.38 17.43
CA ARG B 231 17.49 -9.83 16.22
C ARG B 231 18.92 -10.30 16.51
N ASN B 232 19.26 -10.35 17.80
CA ASN B 232 20.60 -10.74 18.27
C ASN B 232 21.71 -9.73 17.90
N ILE B 233 21.39 -8.43 17.90
CA ILE B 233 22.32 -7.36 17.50
C ILE B 233 22.41 -6.32 18.62
N GLN B 234 23.61 -5.84 18.90
CA GLN B 234 23.80 -4.83 19.94
C GLN B 234 23.28 -3.46 19.54
N PHE B 235 22.75 -2.74 20.52
CA PHE B 235 22.29 -1.38 20.30
C PHE B 235 23.13 -0.36 21.02
N SER B 236 23.58 0.66 20.28
CA SER B 236 24.18 1.82 20.91
C SER B 236 23.45 3.08 20.43
N CYS B 237 23.48 4.11 21.27
CA CYS B 237 22.82 5.37 20.94
C CYS B 237 23.63 6.59 21.42
N LYS B 238 23.67 7.60 20.56
CA LYS B 238 24.41 8.83 20.78
C LYS B 238 23.55 10.03 20.50
N ASN B 239 23.61 11.01 21.40
CA ASN B 239 22.98 12.30 21.15
C ASN B 239 23.95 13.15 20.35
N ILE B 240 23.44 13.83 19.34
CA ILE B 240 24.18 14.89 18.69
C ILE B 240 23.42 16.20 18.95
N TYR B 241 23.91 16.95 19.94
CA TYR B 241 23.26 18.15 20.44
C TYR B 241 23.33 19.33 19.48
N ARG B 242 24.53 19.61 18.97
CA ARG B 242 24.72 20.69 17.99
C ARG B 242 25.17 20.09 16.67
N PRO B 243 24.21 19.79 15.77
CA PRO B 243 24.45 19.32 14.40
C PRO B 243 25.38 20.27 13.61
N ASP B 244 25.16 21.57 13.79
CA ASP B 244 26.05 22.62 13.33
C ASP B 244 27.51 22.33 13.71
N LYS B 245 27.81 22.30 15.01
CA LYS B 245 29.16 21.97 15.49
C LYS B 245 29.62 20.57 15.06
N PHE B 246 28.68 19.62 15.06
CA PHE B 246 29.02 18.25 14.72
C PHE B 246 29.69 18.24 13.35
N LEU B 247 29.04 18.89 12.39
CA LEU B 247 29.54 19.03 11.02
C LEU B 247 30.85 19.78 10.89
N GLN B 248 31.01 20.86 11.65
CA GLN B 248 32.26 21.60 11.68
C GLN B 248 33.40 20.71 12.19
N CYS B 249 33.12 19.90 13.21
CA CYS B 249 34.12 18.98 13.74
C CYS B 249 34.48 17.88 12.74
N VAL B 250 33.49 17.38 12.00
CA VAL B 250 33.73 16.34 11.00
C VAL B 250 34.63 16.87 9.88
N LYS B 251 34.38 18.11 9.47
CA LYS B 251 35.17 18.79 8.44
C LYS B 251 36.62 19.08 8.85
N ASN B 252 36.83 19.38 10.13
CA ASN B 252 38.11 19.94 10.60
C ASN B 252 38.99 19.04 11.47
N PRO B 253 40.31 19.37 11.55
CA PRO B 253 41.18 18.66 12.47
C PRO B 253 40.63 18.66 13.89
N GLU B 254 40.23 17.47 14.36
CA GLU B 254 39.70 17.31 15.72
C GLU B 254 40.61 17.94 16.78
N ASP B 255 40.17 19.07 17.32
CA ASP B 255 40.90 19.80 18.34
C ASP B 255 40.04 20.93 18.90
N SER B 256 39.27 21.57 18.04
CA SER B 256 38.49 22.75 18.40
C SER B 256 37.31 22.44 19.33
N SER B 257 37.64 22.12 20.59
CA SER B 257 36.68 21.71 21.63
C SER B 257 35.56 20.79 21.12
N CYS B 258 35.97 19.69 20.50
CA CYS B 258 35.03 18.77 19.84
C CYS B 258 34.78 17.51 20.66
O1B N1C C . -17.12 -0.49 -6.19
PB N1C C . -17.36 -1.97 -6.51
O3A N1C C . -18.90 -2.18 -6.93
O2B N1C C . -16.49 -2.75 -7.48
O5D N1C C . -17.18 -2.81 -5.13
C5D N1C C . -17.52 -4.21 -5.11
C4D N1C C . -16.31 -5.05 -4.70
C3D N1C C . -16.74 -6.44 -4.32
O3D N1C C . -15.88 -7.35 -5.02
C2D N1C C . -16.62 -6.51 -2.80
O2D N1C C . -15.77 -7.61 -2.44
O4D N1C C . -15.61 -4.55 -3.54
C1D N1C C . -16.09 -5.14 -2.32
N1 N1C C . -17.16 -4.24 -1.84
C6 N1C C . -18.22 -4.69 -1.01
O6 N1C C . -18.27 -5.88 -0.65
C5 N1C C . -19.27 -3.73 -0.58
N7 N1C C . -20.38 -3.83 0.17
C8 N1C C . -20.97 -2.63 0.22
C2 N1C C . -17.16 -2.92 -2.19
N3 N1C C . -18.12 -2.05 -1.81
C4 N1C C . -19.18 -2.41 -1.01
N9 N1C C . -20.24 -1.76 -0.49
C1' N1C C . -20.62 -0.34 -0.65
O4' N1C C . -21.26 -0.28 -1.94
C2' N1C C . -19.43 0.61 -0.69
O2' N1C C . -19.79 1.82 -0.01
C3' N1C C . -19.28 0.84 -2.15
O3' N1C C . -18.27 1.50 -2.72
C4' N1C C . -20.27 0.30 -2.83
C5' N1C C . -20.37 0.28 -4.34
O5' N1C C . -19.86 -0.94 -4.93
PA N1C C . -19.99 -1.06 -6.55
O1A N1C C . -19.55 0.28 -7.14
O2A N1C C . -21.35 -1.64 -6.87
#